data_4FR0
#
_entry.id   4FR0
#
_cell.length_a   67.183
_cell.length_b   128.789
_cell.length_c   96.520
_cell.angle_alpha   90.00
_cell.angle_beta   90.00
_cell.angle_gamma   90.00
#
_symmetry.space_group_name_H-M   'C 2 2 2'
#
loop_
_entity.id
_entity.type
_entity.pdbx_description
1 polymer 'Arsenic methyltransferase'
2 non-polymer S-ADENOSYLMETHIONINE
#
_entity_poly.entity_id   1
_entity_poly.type   'polypeptide(L)'
_entity_poly.pdbx_seq_one_letter_code
;MPCSCASGCQKSKNGGSTPSIRDHVADYYGKTLQSSADLKTSACKLAAAVPESHRKILADIADEVLEKFYGCGSTLPADG
SLEGATVLDLGCGTGRDVYLASKLVGEHGKVIGVDMLDNQLEVARKYVEYHAEKFFGSPSRSNVRFLKGFIENLATAEPE
GVPDSSVDIVISNCVCNLSTNKLALFKEIHRVLRDGGELYFSDVYADRRLSEAAQQDPILYGECLGGALYLEDFRRLVAE
AGFRDVRLVSVGPVDVSDPQLRKLVPDVQFYSCTFRCFKVATLEATREDYGQSATYLGGIGEEFKLDRFFTFPREKPVRV
DRNTAEIIRHSRLHQWFSVSAEQQHMGLFKANDSYALLHAPLSMQVEQLVSGAAALEHHHHHH
;
_entity_poly.pdbx_strand_id   A
#
# COMPACT_ATOMS: atom_id res chain seq x y z
N ALA A 49 -1.30 -12.50 5.05
CA ALA A 49 -2.14 -11.33 5.45
C ALA A 49 -2.51 -11.34 6.95
N VAL A 50 -2.61 -10.12 7.52
CA VAL A 50 -2.98 -9.83 8.94
C VAL A 50 -2.01 -10.35 10.03
N PRO A 51 -0.90 -9.62 10.25
CA PRO A 51 0.14 -10.00 11.21
C PRO A 51 -0.33 -9.83 12.66
N GLU A 52 0.52 -10.23 13.59
CA GLU A 52 0.12 -10.35 14.98
C GLU A 52 0.20 -9.05 15.77
N SER A 53 1.05 -8.11 15.33
CA SER A 53 1.11 -6.81 16.00
C SER A 53 -0.18 -6.02 15.78
N HIS A 54 -0.82 -6.28 14.64
CA HIS A 54 -2.11 -5.68 14.30
C HIS A 54 -3.24 -6.41 14.98
N ARG A 55 -3.14 -7.74 15.06
CA ARG A 55 -4.22 -8.60 15.58
C ARG A 55 -4.74 -8.17 16.96
N LYS A 56 -3.84 -7.63 17.77
CA LYS A 56 -4.19 -7.05 19.05
C LYS A 56 -5.07 -5.81 18.89
N ILE A 57 -4.72 -4.91 17.98
CA ILE A 57 -5.52 -3.69 17.73
C ILE A 57 -6.89 -4.00 17.11
N LEU A 58 -6.93 -4.92 16.15
CA LEU A 58 -8.21 -5.39 15.61
C LEU A 58 -9.19 -5.73 16.73
N ALA A 59 -8.74 -6.57 17.67
CA ALA A 59 -9.56 -7.01 18.79
C ALA A 59 -10.29 -5.86 19.46
N ASP A 60 -9.62 -4.73 19.58
CA ASP A 60 -10.21 -3.58 20.24
C ASP A 60 -11.15 -2.79 19.35
N ILE A 61 -11.28 -3.20 18.10
CA ILE A 61 -12.08 -2.42 17.18
C ILE A 61 -13.55 -2.90 17.19
N ALA A 62 -14.44 -1.90 17.26
CA ALA A 62 -15.88 -2.09 17.23
C ALA A 62 -16.29 -3.26 16.37
N ASP A 63 -17.21 -4.06 16.89
CA ASP A 63 -17.84 -5.17 16.16
C ASP A 63 -18.40 -4.76 14.79
N GLU A 64 -19.14 -3.65 14.75
CA GLU A 64 -19.92 -3.30 13.59
C GLU A 64 -19.03 -2.94 12.40
N VAL A 65 -17.97 -2.19 12.70
CA VAL A 65 -16.90 -1.88 11.77
C VAL A 65 -16.27 -3.16 11.18
N LEU A 66 -16.10 -4.17 12.01
CA LEU A 66 -15.42 -5.39 11.60
C LEU A 66 -16.29 -6.31 10.76
N GLU A 67 -17.57 -6.42 11.12
CA GLU A 67 -18.48 -7.31 10.40
C GLU A 67 -18.76 -6.77 9.00
N LYS A 68 -18.80 -5.45 8.87
CA LYS A 68 -19.01 -4.77 7.57
C LYS A 68 -17.71 -4.24 6.86
N PHE A 69 -16.63 -5.01 6.92
CA PHE A 69 -15.37 -4.64 6.25
C PHE A 69 -15.11 -5.62 5.11
N TYR A 70 -14.71 -5.12 3.93
CA TYR A 70 -14.58 -5.99 2.76
C TYR A 70 -13.20 -5.94 2.08
N GLY A 71 -12.22 -6.55 2.71
CA GLY A 71 -10.83 -6.29 2.39
C GLY A 71 -10.02 -7.40 1.76
N CYS A 72 -8.92 -6.98 1.15
CA CYS A 72 -8.03 -7.77 0.29
C CYS A 72 -6.94 -8.48 1.06
N GLY A 73 -6.38 -7.78 2.04
CA GLY A 73 -5.22 -8.25 2.76
C GLY A 73 -4.87 -7.20 3.79
N SER A 74 -3.58 -6.98 4.01
CA SER A 74 -3.14 -5.91 4.89
C SER A 74 -2.68 -4.78 4.02
N THR A 75 -3.10 -3.57 4.37
CA THR A 75 -2.66 -2.37 3.66
C THR A 75 -1.94 -1.46 4.64
N LEU A 76 -1.25 -2.08 5.58
CA LEU A 76 -0.56 -1.35 6.63
C LEU A 76 0.67 -2.12 7.00
N PRO A 77 1.81 -1.42 7.06
CA PRO A 77 3.11 -1.99 7.42
C PRO A 77 3.13 -2.38 8.89
N ALA A 78 3.75 -3.52 9.19
CA ALA A 78 3.97 -3.88 10.58
C ALA A 78 5.42 -3.59 10.94
N ASP A 79 5.68 -2.45 11.56
CA ASP A 79 7.05 -2.08 11.91
C ASP A 79 7.23 -0.80 12.73
N GLY A 80 6.12 -0.18 13.15
CA GLY A 80 6.23 1.02 13.98
C GLY A 80 6.76 2.28 13.31
N SER A 81 6.74 2.30 11.97
CA SER A 81 7.19 3.47 11.21
C SER A 81 6.15 4.57 11.18
N LEU A 82 4.97 4.29 11.74
CA LEU A 82 3.79 5.13 11.56
C LEU A 82 3.60 6.25 12.55
N GLU A 83 4.22 6.14 13.72
CA GLU A 83 4.00 7.09 14.78
C GLU A 83 4.01 8.49 14.18
N GLY A 84 2.89 9.20 14.22
CA GLY A 84 2.90 10.63 13.87
C GLY A 84 2.70 10.94 12.39
N ALA A 85 2.59 9.91 11.56
CA ALA A 85 2.31 10.06 10.13
C ALA A 85 0.87 10.56 9.90
N THR A 86 0.60 11.08 8.69
CA THR A 86 -0.77 11.39 8.29
C THR A 86 -1.16 10.33 7.29
N VAL A 87 -2.18 9.54 7.61
CA VAL A 87 -2.62 8.46 6.72
C VAL A 87 -3.93 8.82 6.02
N LEU A 88 -4.12 8.30 4.81
CA LEU A 88 -5.36 8.53 4.07
C LEU A 88 -5.76 7.25 3.39
N ASP A 89 -6.89 6.72 3.80
CA ASP A 89 -7.41 5.48 3.22
C ASP A 89 -8.43 5.77 2.12
N LEU A 90 -8.16 5.32 0.90
CA LEU A 90 -9.04 5.53 -0.24
C LEU A 90 -10.05 4.44 -0.31
N GLY A 91 -11.31 4.85 -0.24
CA GLY A 91 -12.39 3.89 -0.16
C GLY A 91 -12.37 3.24 1.20
N CYS A 92 -12.39 4.06 2.25
CA CYS A 92 -12.24 3.50 3.60
C CYS A 92 -13.39 2.58 4.06
N GLY A 93 -14.58 2.76 3.50
CA GLY A 93 -15.72 1.91 3.86
C GLY A 93 -16.12 2.13 5.30
N THR A 94 -16.21 1.05 6.07
CA THR A 94 -16.75 1.20 7.43
C THR A 94 -15.70 1.61 8.48
N GLY A 95 -14.41 1.48 8.14
CA GLY A 95 -13.33 2.16 8.85
C GLY A 95 -12.29 1.26 9.49
N ARG A 96 -12.36 -0.03 9.20
CA ARG A 96 -11.43 -0.97 9.81
C ARG A 96 -10.01 -0.42 9.70
N ASP A 97 -9.48 -0.30 8.48
CA ASP A 97 -8.10 0.16 8.30
C ASP A 97 -7.89 1.54 8.90
N VAL A 98 -8.89 2.40 8.83
CA VAL A 98 -8.71 3.71 9.43
C VAL A 98 -8.43 3.59 10.93
N TYR A 99 -9.26 2.82 11.64
CA TYR A 99 -9.12 2.71 13.09
C TYR A 99 -7.86 1.95 13.43
N LEU A 100 -7.61 0.85 12.74
CA LEU A 100 -6.27 0.30 12.80
C LEU A 100 -5.18 1.38 12.61
N ALA A 101 -5.21 2.14 11.54
CA ALA A 101 -4.20 3.17 11.35
C ALA A 101 -4.20 4.15 12.51
N SER A 102 -5.36 4.30 13.14
CA SER A 102 -5.51 5.32 14.17
C SER A 102 -4.70 5.00 15.38
N LYS A 103 -4.60 3.72 15.70
CA LYS A 103 -3.74 3.29 16.78
C LYS A 103 -2.30 3.47 16.35
N LEU A 104 -1.95 2.90 15.20
CA LEU A 104 -0.56 2.88 14.78
C LEU A 104 0.08 4.26 14.69
N VAL A 105 -0.60 5.23 14.08
CA VAL A 105 0.00 6.56 13.94
C VAL A 105 0.06 7.31 15.28
N GLY A 106 -0.63 6.73 16.27
CA GLY A 106 -0.73 7.28 17.62
C GLY A 106 -1.32 8.65 17.72
N GLU A 107 -1.25 9.19 18.93
CA GLU A 107 -1.83 10.48 19.33
C GLU A 107 -1.35 11.66 18.51
N HIS A 108 -0.17 11.54 17.92
CA HIS A 108 0.33 12.68 17.18
C HIS A 108 0.05 12.68 15.69
N GLY A 109 -0.39 11.52 15.17
CA GLY A 109 -0.77 11.34 13.77
C GLY A 109 -2.15 11.81 13.35
N LYS A 110 -2.62 11.31 12.20
CA LYS A 110 -3.94 11.61 11.64
C LYS A 110 -4.32 10.46 10.71
N VAL A 111 -5.59 10.13 10.69
CA VAL A 111 -6.12 9.23 9.68
C VAL A 111 -7.27 10.01 9.07
N ILE A 112 -7.31 10.08 7.74
CA ILE A 112 -8.47 10.62 7.03
C ILE A 112 -8.96 9.44 6.21
N GLY A 113 -10.25 9.14 6.27
CA GLY A 113 -10.81 8.06 5.46
C GLY A 113 -11.68 8.72 4.42
N VAL A 114 -11.72 8.13 3.23
CA VAL A 114 -12.48 8.67 2.11
C VAL A 114 -13.34 7.62 1.47
N ASP A 115 -14.60 7.97 1.26
CA ASP A 115 -15.53 7.05 0.64
C ASP A 115 -16.66 7.82 -0.01
N MET A 116 -17.35 7.18 -0.94
CA MET A 116 -18.37 7.88 -1.73
C MET A 116 -19.75 7.65 -1.15
N LEU A 117 -19.97 6.44 -0.62
CA LEU A 117 -21.22 5.96 -0.03
C LEU A 117 -21.54 6.53 1.36
N ASP A 118 -22.52 7.42 1.40
CA ASP A 118 -23.17 7.90 2.63
C ASP A 118 -23.35 6.83 3.70
N ASN A 119 -23.83 5.65 3.31
CA ASN A 119 -24.13 4.65 4.31
C ASN A 119 -22.89 4.03 5.01
N GLN A 120 -21.86 3.64 4.25
CA GLN A 120 -20.53 3.23 4.80
C GLN A 120 -19.89 4.23 5.78
N LEU A 121 -19.89 5.50 5.40
CA LEU A 121 -19.36 6.55 6.26
C LEU A 121 -20.21 6.77 7.50
N GLU A 122 -21.50 6.45 7.37
CA GLU A 122 -22.45 6.51 8.49
C GLU A 122 -21.93 5.65 9.61
N VAL A 123 -21.55 4.41 9.27
CA VAL A 123 -21.04 3.44 10.23
C VAL A 123 -19.72 3.89 10.80
N ALA A 124 -18.83 4.29 9.91
CA ALA A 124 -17.52 4.76 10.24
C ALA A 124 -17.57 5.85 11.31
N ARG A 125 -18.32 6.91 11.03
CA ARG A 125 -18.42 8.06 11.94
C ARG A 125 -18.99 7.72 13.30
N LYS A 126 -19.87 6.73 13.34
CA LYS A 126 -20.56 6.41 14.57
C LYS A 126 -19.57 5.97 15.63
N TYR A 127 -18.38 5.55 15.19
CA TYR A 127 -17.41 4.98 16.11
C TYR A 127 -16.15 5.83 16.36
N VAL A 128 -16.25 7.13 16.07
CA VAL A 128 -15.15 8.09 16.28
C VAL A 128 -14.81 8.22 17.77
N GLU A 129 -15.77 8.72 18.56
CA GLU A 129 -15.61 8.91 20.00
C GLU A 129 -15.31 7.54 20.63
N TYR A 130 -15.95 6.51 20.09
CA TYR A 130 -15.78 5.17 20.63
C TYR A 130 -14.32 4.88 20.68
N HIS A 131 -13.71 4.84 19.50
CA HIS A 131 -12.30 4.52 19.34
C HIS A 131 -11.33 5.55 19.94
N ALA A 132 -11.74 6.82 20.00
CA ALA A 132 -10.92 7.80 20.69
C ALA A 132 -10.70 7.33 22.13
N GLU A 133 -11.80 7.01 22.80
CA GLU A 133 -11.79 6.45 24.14
C GLU A 133 -10.98 5.14 24.21
N LYS A 134 -11.13 4.28 23.21
CA LYS A 134 -10.57 2.92 23.33
C LYS A 134 -9.07 2.88 23.20
N PHE A 135 -8.50 3.90 22.58
CA PHE A 135 -7.08 3.88 22.19
C PHE A 135 -6.27 4.90 22.96
N PHE A 136 -6.87 6.06 23.24
CA PHE A 136 -6.13 7.15 23.87
C PHE A 136 -6.76 7.54 25.20
N GLY A 137 -7.57 6.64 25.76
CA GLY A 137 -8.21 6.83 27.06
C GLY A 137 -9.31 7.87 27.16
N SER A 138 -9.71 8.45 26.03
CA SER A 138 -10.68 9.53 26.07
C SER A 138 -11.40 9.79 24.74
N PRO A 139 -12.75 9.91 24.77
CA PRO A 139 -13.47 10.31 23.53
C PRO A 139 -13.05 11.72 23.17
N SER A 140 -13.44 12.20 21.98
CA SER A 140 -13.07 13.57 21.54
C SER A 140 -11.54 13.86 21.55
N ARG A 141 -10.73 12.80 21.61
CA ARG A 141 -9.31 12.95 21.37
C ARG A 141 -8.88 12.00 20.25
N SER A 142 -9.67 11.92 19.19
CA SER A 142 -9.29 11.04 18.10
C SER A 142 -8.56 11.81 17.03
N ASN A 143 -7.78 11.09 16.25
CA ASN A 143 -6.98 11.65 15.19
C ASN A 143 -7.60 11.16 13.86
N VAL A 144 -8.91 10.86 13.90
CA VAL A 144 -9.61 10.30 12.75
C VAL A 144 -10.68 11.24 12.22
N ARG A 145 -10.73 11.35 10.90
CA ARG A 145 -11.59 12.26 10.16
C ARG A 145 -12.12 11.49 8.96
N PHE A 146 -13.34 11.77 8.53
CA PHE A 146 -13.85 11.12 7.32
C PHE A 146 -14.34 12.14 6.31
N LEU A 147 -14.00 11.94 5.03
CA LEU A 147 -14.51 12.80 3.98
C LEU A 147 -15.37 11.99 3.04
N LYS A 148 -16.38 12.64 2.45
CA LYS A 148 -17.20 12.04 1.38
C LYS A 148 -16.67 12.51 0.04
N GLY A 149 -16.35 11.54 -0.82
CA GLY A 149 -15.77 11.91 -2.10
C GLY A 149 -15.43 10.75 -2.98
N PHE A 150 -15.05 11.05 -4.22
CA PHE A 150 -14.58 10.01 -5.10
C PHE A 150 -13.07 10.10 -5.07
N ILE A 151 -12.44 8.92 -5.03
CA ILE A 151 -10.99 8.79 -4.88
C ILE A 151 -10.27 9.38 -6.09
N GLU A 152 -10.93 9.45 -7.25
CA GLU A 152 -10.31 10.09 -8.40
C GLU A 152 -10.23 11.59 -8.30
N ASN A 153 -10.90 12.19 -7.32
CA ASN A 153 -10.97 13.63 -7.29
C ASN A 153 -11.14 14.17 -5.86
N LEU A 154 -10.04 14.10 -5.13
CA LEU A 154 -10.02 14.32 -3.70
C LEU A 154 -10.08 15.80 -3.38
N ALA A 155 -9.85 16.63 -4.39
CA ALA A 155 -9.88 18.08 -4.21
C ALA A 155 -11.29 18.60 -3.95
N THR A 156 -12.27 17.77 -4.26
CA THR A 156 -13.65 18.22 -4.14
C THR A 156 -14.39 17.38 -3.11
N ALA A 157 -13.66 16.52 -2.40
CA ALA A 157 -14.26 15.75 -1.33
C ALA A 157 -14.86 16.69 -0.29
N GLU A 158 -15.85 16.22 0.45
CA GLU A 158 -16.54 17.03 1.45
C GLU A 158 -16.41 16.40 2.83
N PRO A 159 -16.38 17.22 3.89
CA PRO A 159 -16.54 18.69 3.91
C PRO A 159 -15.43 19.52 3.26
N GLU A 160 -14.19 19.04 3.27
CA GLU A 160 -13.09 19.74 2.57
C GLU A 160 -12.25 18.82 1.71
N GLY A 161 -11.58 19.40 0.74
CA GLY A 161 -10.77 18.63 -0.17
C GLY A 161 -9.38 18.37 0.36
N VAL A 162 -8.68 17.44 -0.28
CA VAL A 162 -7.34 17.07 0.14
C VAL A 162 -6.37 17.84 -0.72
N PRO A 163 -5.67 18.81 -0.12
CA PRO A 163 -4.68 19.65 -0.80
C PRO A 163 -3.41 18.90 -1.22
N ASP A 164 -2.64 19.49 -2.13
CA ASP A 164 -1.39 18.91 -2.58
C ASP A 164 -0.43 18.62 -1.43
N SER A 165 0.31 17.52 -1.52
CA SER A 165 1.37 17.26 -0.54
C SER A 165 0.87 17.47 0.88
N SER A 166 -0.18 16.75 1.24
CA SER A 166 -0.69 16.82 2.58
C SER A 166 -0.72 15.44 3.28
N VAL A 167 -0.15 14.42 2.65
CA VAL A 167 -0.36 13.08 3.15
C VAL A 167 0.94 12.29 3.11
N ASP A 168 1.30 11.66 4.24
CA ASP A 168 2.56 10.92 4.32
C ASP A 168 2.38 9.62 3.64
N ILE A 169 1.24 8.97 3.92
CA ILE A 169 1.01 7.60 3.45
C ILE A 169 -0.40 7.49 2.94
N VAL A 170 -0.56 6.91 1.74
CA VAL A 170 -1.88 6.67 1.21
C VAL A 170 -2.03 5.18 1.17
N ILE A 171 -3.15 4.70 1.72
CA ILE A 171 -3.45 3.28 1.70
C ILE A 171 -4.80 3.03 1.06
N SER A 172 -5.05 1.78 0.68
CA SER A 172 -6.31 1.40 0.13
C SER A 172 -6.36 -0.11 0.09
N ASN A 173 -7.55 -0.66 0.31
CA ASN A 173 -7.68 -2.08 0.42
C ASN A 173 -8.68 -2.59 -0.57
N CYS A 174 -8.21 -3.14 -1.69
CA CYS A 174 -9.14 -3.78 -2.60
C CYS A 174 -10.10 -2.79 -3.35
N VAL A 175 -9.73 -1.51 -3.37
CA VAL A 175 -10.56 -0.42 -3.89
C VAL A 175 -10.19 -0.10 -5.35
N CYS A 176 -8.91 0.16 -5.60
CA CYS A 176 -8.42 0.64 -6.90
C CYS A 176 -8.91 -0.15 -8.14
N ASN A 177 -8.91 -1.49 -8.07
CA ASN A 177 -9.51 -2.29 -9.15
C ASN A 177 -10.92 -1.81 -9.61
N LEU A 178 -11.71 -1.26 -8.69
CA LEU A 178 -13.04 -0.76 -9.02
C LEU A 178 -13.07 0.54 -9.83
N SER A 179 -11.96 1.29 -9.85
CA SER A 179 -11.92 2.60 -10.51
C SER A 179 -11.93 2.50 -12.04
N THR A 180 -12.64 3.40 -12.69
CA THR A 180 -12.83 3.34 -14.14
C THR A 180 -11.82 4.17 -14.87
N ASN A 181 -10.97 4.84 -14.11
CA ASN A 181 -9.92 5.70 -14.66
C ASN A 181 -8.66 5.67 -13.76
N LYS A 182 -7.84 4.63 -13.92
CA LYS A 182 -6.73 4.35 -12.95
C LYS A 182 -5.61 5.39 -12.97
N LEU A 183 -5.13 5.70 -14.16
CA LEU A 183 -4.21 6.82 -14.34
C LEU A 183 -4.64 8.10 -13.54
N ALA A 184 -5.91 8.47 -13.66
CA ALA A 184 -6.39 9.68 -12.98
C ALA A 184 -6.24 9.45 -11.49
N LEU A 185 -6.55 8.22 -11.08
CA LEU A 185 -6.51 7.83 -9.69
C LEU A 185 -5.08 7.88 -9.17
N PHE A 186 -4.16 7.24 -9.90
CA PHE A 186 -2.77 7.23 -9.45
C PHE A 186 -2.19 8.61 -9.49
N LYS A 187 -2.61 9.43 -10.47
CA LYS A 187 -2.16 10.83 -10.52
C LYS A 187 -2.64 11.59 -9.34
N GLU A 188 -3.84 11.27 -8.88
CA GLU A 188 -4.41 11.92 -7.71
C GLU A 188 -3.62 11.54 -6.45
N ILE A 189 -3.21 10.27 -6.35
CA ILE A 189 -2.41 9.84 -5.21
C ILE A 189 -1.10 10.63 -5.22
N HIS A 190 -0.42 10.65 -6.38
CA HIS A 190 0.86 11.35 -6.50
C HIS A 190 0.67 12.76 -6.09
N ARG A 191 -0.45 13.37 -6.44
CA ARG A 191 -0.67 14.78 -6.11
C ARG A 191 -0.67 15.04 -4.60
N VAL A 192 -1.39 14.19 -3.86
CA VAL A 192 -1.65 14.48 -2.44
C VAL A 192 -0.54 14.03 -1.53
N LEU A 193 0.22 13.01 -1.95
CA LEU A 193 1.46 12.64 -1.20
C LEU A 193 2.48 13.78 -1.11
N ARG A 194 3.11 13.88 0.05
CA ARG A 194 4.31 14.70 0.20
C ARG A 194 5.48 13.95 -0.41
N ASP A 195 6.55 14.69 -0.73
CA ASP A 195 7.80 14.09 -1.19
C ASP A 195 8.33 13.26 -0.04
N GLY A 196 8.75 12.04 -0.31
CA GLY A 196 9.20 11.18 0.76
C GLY A 196 8.08 10.30 1.20
N GLY A 197 6.84 10.74 0.95
CA GLY A 197 5.63 9.94 1.20
C GLY A 197 5.60 8.67 0.39
N GLU A 198 4.58 7.84 0.56
CA GLU A 198 4.49 6.63 -0.26
C GLU A 198 3.07 6.10 -0.36
N LEU A 199 2.83 5.28 -1.38
CA LEU A 199 1.58 4.60 -1.50
C LEU A 199 1.79 3.15 -1.10
N TYR A 200 1.26 2.78 0.07
CA TYR A 200 1.27 1.41 0.57
C TYR A 200 -0.15 0.90 0.40
N PHE A 201 -0.35 -0.22 -0.29
CA PHE A 201 -1.71 -0.63 -0.61
C PHE A 201 -1.96 -2.02 -1.15
N SER A 202 -3.16 -2.50 -0.80
CA SER A 202 -3.58 -3.82 -1.18
C SER A 202 -4.58 -3.71 -2.29
N ASP A 203 -4.54 -4.69 -3.17
CA ASP A 203 -5.46 -4.77 -4.26
C ASP A 203 -5.23 -6.11 -4.98
N VAL A 204 -6.07 -6.39 -5.98
CA VAL A 204 -6.10 -7.67 -6.68
C VAL A 204 -5.59 -7.46 -8.09
N TYR A 205 -4.73 -8.35 -8.58
CA TYR A 205 -4.05 -8.13 -9.86
C TYR A 205 -4.20 -9.36 -10.72
N ALA A 206 -3.74 -9.29 -11.96
CA ALA A 206 -3.89 -10.42 -12.86
C ALA A 206 -2.62 -10.86 -13.62
N ASP A 207 -2.50 -12.17 -13.76
CA ASP A 207 -1.64 -12.88 -14.68
C ASP A 207 -1.53 -12.24 -16.07
N ARG A 208 -2.65 -11.72 -16.58
CA ARG A 208 -2.78 -11.37 -17.98
C ARG A 208 -3.94 -10.39 -18.20
N ARG A 209 -4.08 -9.88 -19.41
CA ARG A 209 -5.18 -8.97 -19.71
C ARG A 209 -6.42 -9.82 -19.98
N LEU A 210 -7.53 -9.44 -19.34
CA LEU A 210 -8.80 -10.15 -19.48
C LEU A 210 -9.34 -9.84 -20.85
N SER A 211 -10.34 -10.58 -21.32
CA SER A 211 -10.97 -10.27 -22.62
C SER A 211 -11.82 -8.97 -22.60
N GLU A 212 -12.25 -8.52 -23.78
CA GLU A 212 -13.23 -7.45 -23.86
C GLU A 212 -14.50 -7.83 -23.08
N ALA A 213 -14.98 -9.06 -23.29
CA ALA A 213 -16.13 -9.60 -22.56
C ALA A 213 -15.89 -9.48 -21.06
N ALA A 214 -14.92 -10.22 -20.55
CA ALA A 214 -14.61 -10.20 -19.13
C ALA A 214 -14.58 -8.79 -18.52
N GLN A 215 -14.25 -7.80 -19.33
CA GLN A 215 -14.00 -6.47 -18.77
C GLN A 215 -15.30 -5.67 -18.75
N GLN A 216 -16.26 -6.11 -19.56
CA GLN A 216 -17.55 -5.47 -19.64
C GLN A 216 -18.52 -6.04 -18.62
N ASP A 217 -18.29 -7.26 -18.17
CA ASP A 217 -19.22 -7.94 -17.29
C ASP A 217 -19.33 -7.25 -15.92
N PRO A 218 -20.54 -6.93 -15.49
CA PRO A 218 -20.65 -6.21 -14.20
C PRO A 218 -20.58 -7.10 -12.94
N ILE A 219 -20.90 -8.38 -13.07
CA ILE A 219 -20.79 -9.31 -11.93
C ILE A 219 -19.30 -9.47 -11.57
N LEU A 220 -18.49 -9.64 -12.60
CA LEU A 220 -17.06 -9.82 -12.45
C LEU A 220 -16.43 -8.58 -11.86
N TYR A 221 -16.72 -7.43 -12.47
CA TYR A 221 -16.26 -6.14 -12.01
C TYR A 221 -16.57 -5.91 -10.54
N GLY A 222 -17.82 -6.24 -10.18
CA GLY A 222 -18.33 -6.09 -8.82
C GLY A 222 -17.70 -7.12 -7.90
N GLU A 223 -17.34 -8.27 -8.44
CA GLU A 223 -16.65 -9.26 -7.64
C GLU A 223 -15.18 -8.86 -7.46
N CYS A 224 -14.85 -7.64 -7.86
CA CYS A 224 -13.47 -7.13 -7.78
C CYS A 224 -12.44 -7.80 -8.73
N LEU A 225 -12.89 -8.63 -9.66
CA LEU A 225 -11.96 -9.24 -10.59
C LEU A 225 -11.91 -8.51 -11.96
N GLY A 226 -13.05 -8.06 -12.46
CA GLY A 226 -13.09 -7.50 -13.79
C GLY A 226 -12.23 -6.25 -13.93
N GLY A 227 -12.16 -5.45 -12.88
CA GLY A 227 -11.35 -4.22 -12.95
C GLY A 227 -9.87 -4.38 -12.54
N ALA A 228 -9.45 -5.63 -12.26
CA ALA A 228 -8.07 -5.98 -11.85
C ALA A 228 -7.02 -5.84 -12.94
N LEU A 229 -6.00 -5.04 -12.69
CA LEU A 229 -4.92 -4.83 -13.64
C LEU A 229 -3.99 -6.01 -13.84
N TYR A 230 -3.71 -6.30 -15.10
CA TYR A 230 -2.53 -7.09 -15.47
C TYR A 230 -1.37 -6.40 -14.84
N LEU A 231 -0.53 -7.15 -14.15
CA LEU A 231 0.56 -6.56 -13.35
C LEU A 231 1.49 -5.60 -14.12
N GLU A 232 1.82 -5.97 -15.36
CA GLU A 232 2.61 -5.11 -16.24
C GLU A 232 1.98 -3.73 -16.58
N ASP A 233 0.67 -3.69 -16.80
CA ASP A 233 -0.04 -2.43 -17.01
C ASP A 233 -0.03 -1.59 -15.75
N PHE A 234 -0.20 -2.24 -14.61
CA PHE A 234 -0.08 -1.53 -13.36
C PHE A 234 1.26 -0.75 -13.25
N ARG A 235 2.38 -1.46 -13.46
CA ARG A 235 3.75 -0.90 -13.43
C ARG A 235 3.79 0.29 -14.38
N ARG A 236 3.21 0.09 -15.56
CA ARG A 236 3.24 1.13 -16.56
C ARG A 236 2.39 2.34 -16.14
N LEU A 237 1.15 2.12 -15.69
CA LEU A 237 0.28 3.24 -15.29
C LEU A 237 0.87 4.03 -14.13
N VAL A 238 1.47 3.33 -13.20
CA VAL A 238 1.83 4.02 -12.00
C VAL A 238 3.11 4.85 -12.19
N ALA A 239 3.97 4.39 -13.12
CA ALA A 239 5.10 5.16 -13.63
C ALA A 239 4.60 6.40 -14.38
N GLU A 240 3.61 6.23 -15.24
CA GLU A 240 3.03 7.38 -15.90
C GLU A 240 2.47 8.34 -14.85
N ALA A 241 2.00 7.82 -13.72
CA ALA A 241 1.47 8.71 -12.67
C ALA A 241 2.54 9.35 -11.83
N GLY A 242 3.79 8.93 -11.98
CA GLY A 242 4.91 9.60 -11.29
C GLY A 242 5.79 8.74 -10.42
N PHE A 243 5.48 7.44 -10.33
CA PHE A 243 6.11 6.48 -9.42
C PHE A 243 6.94 5.54 -10.26
N ARG A 244 8.27 5.73 -10.28
CA ARG A 244 9.09 4.94 -11.18
C ARG A 244 9.54 3.63 -10.51
N ASP A 245 9.19 3.48 -9.23
CA ASP A 245 9.65 2.37 -8.40
C ASP A 245 8.56 1.67 -7.56
N VAL A 246 8.36 0.39 -7.81
CA VAL A 246 7.23 -0.32 -7.26
C VAL A 246 7.78 -1.43 -6.40
N ARG A 247 7.50 -1.38 -5.12
CA ARG A 247 8.02 -2.43 -4.29
C ARG A 247 6.98 -3.45 -3.80
N LEU A 248 7.13 -4.68 -4.27
CA LEU A 248 6.40 -5.84 -3.80
C LEU A 248 6.61 -6.09 -2.30
N VAL A 249 5.51 -6.22 -1.57
CA VAL A 249 5.58 -6.47 -0.12
C VAL A 249 5.01 -7.85 0.28
N SER A 250 3.81 -8.19 -0.17
CA SER A 250 3.34 -9.58 -0.08
C SER A 250 2.36 -9.92 -1.17
N VAL A 251 2.42 -11.16 -1.64
CA VAL A 251 1.42 -11.73 -2.52
C VAL A 251 0.69 -12.91 -1.87
N GLY A 252 0.16 -13.80 -2.71
CA GLY A 252 -0.82 -14.82 -2.33
C GLY A 252 -1.93 -14.81 -3.37
N PRO A 253 -2.25 -16.01 -3.94
CA PRO A 253 -3.20 -16.10 -5.05
C PRO A 253 -4.64 -15.87 -4.61
N VAL A 254 -5.49 -15.60 -5.59
CA VAL A 254 -6.92 -15.36 -5.43
C VAL A 254 -7.66 -16.36 -6.31
N ASP A 255 -8.36 -17.32 -5.69
CA ASP A 255 -9.10 -18.36 -6.39
C ASP A 255 -10.38 -17.78 -6.98
N VAL A 256 -10.90 -18.40 -8.02
CA VAL A 256 -12.25 -18.06 -8.47
C VAL A 256 -13.24 -19.18 -8.14
N SER A 257 -14.00 -18.97 -7.06
CA SER A 257 -15.07 -19.87 -6.61
C SER A 257 -16.09 -20.26 -7.69
N ASP A 258 -17.05 -19.37 -7.91
CA ASP A 258 -18.14 -19.57 -8.85
C ASP A 258 -17.66 -19.92 -10.27
N PRO A 259 -17.88 -21.17 -10.70
CA PRO A 259 -17.41 -21.65 -12.00
C PRO A 259 -17.96 -20.89 -13.19
N GLN A 260 -19.11 -20.25 -13.00
CA GLN A 260 -19.75 -19.48 -14.06
C GLN A 260 -19.04 -18.11 -14.24
N LEU A 261 -18.41 -17.65 -13.16
CA LEU A 261 -17.55 -16.49 -13.20
C LEU A 261 -16.22 -16.84 -13.89
N ARG A 262 -15.63 -17.94 -13.43
CA ARG A 262 -14.44 -18.48 -14.08
C ARG A 262 -14.61 -18.64 -15.61
N LYS A 263 -15.82 -18.92 -16.10
CA LYS A 263 -16.03 -19.08 -17.55
C LYS A 263 -15.47 -17.93 -18.37
N LEU A 264 -15.57 -16.73 -17.82
CA LEU A 264 -15.14 -15.49 -18.47
C LEU A 264 -13.63 -15.23 -18.37
N VAL A 265 -12.99 -15.99 -17.50
CA VAL A 265 -11.63 -15.75 -17.09
C VAL A 265 -10.87 -17.11 -17.15
N PRO A 266 -11.07 -17.90 -18.25
CA PRO A 266 -10.67 -19.30 -18.41
C PRO A 266 -9.32 -19.70 -17.82
N ASP A 267 -8.25 -18.97 -18.18
CA ASP A 267 -6.87 -19.32 -17.85
C ASP A 267 -6.17 -18.35 -16.92
N VAL A 268 -6.85 -17.25 -16.63
CA VAL A 268 -6.29 -16.13 -15.87
C VAL A 268 -5.94 -16.58 -14.48
N GLN A 269 -4.78 -16.18 -13.99
CA GLN A 269 -4.40 -16.37 -12.60
C GLN A 269 -4.48 -15.01 -11.92
N PHE A 270 -5.20 -14.91 -10.81
CA PHE A 270 -5.31 -13.65 -10.06
C PHE A 270 -4.48 -13.68 -8.80
N TYR A 271 -4.15 -12.51 -8.26
CA TYR A 271 -3.30 -12.39 -7.12
C TYR A 271 -3.77 -11.29 -6.22
N SER A 272 -3.36 -11.35 -4.98
CA SER A 272 -3.51 -10.22 -4.14
C SER A 272 -2.11 -9.70 -3.81
N CYS A 273 -1.91 -8.40 -3.93
CA CYS A 273 -0.57 -7.84 -3.81
C CYS A 273 -0.62 -6.56 -3.02
N THR A 274 0.37 -6.42 -2.16
CA THR A 274 0.59 -5.20 -1.43
C THR A 274 1.88 -4.60 -1.98
N PHE A 275 1.85 -3.30 -2.28
CA PHE A 275 2.92 -2.61 -3.00
C PHE A 275 3.27 -1.27 -2.31
N ARG A 276 4.55 -0.95 -2.17
CA ARG A 276 4.99 0.38 -1.75
C ARG A 276 5.40 1.14 -3.00
N CYS A 277 4.88 2.34 -3.19
CA CYS A 277 5.38 3.22 -4.23
C CYS A 277 5.67 4.57 -3.63
N PHE A 278 6.92 4.76 -3.23
CA PHE A 278 7.34 6.02 -2.67
C PHE A 278 7.32 7.12 -3.72
N LYS A 279 7.03 8.33 -3.25
CA LYS A 279 7.07 9.53 -4.06
C LYS A 279 8.33 10.31 -3.63
N VAL A 280 9.37 10.16 -4.44
CA VAL A 280 10.69 10.71 -4.18
C VAL A 280 11.19 11.04 -5.57
N ALA A 281 11.45 12.32 -5.77
CA ALA A 281 11.79 12.87 -7.09
C ALA A 281 12.90 12.06 -7.81
N THR A 282 14.02 11.85 -7.10
CA THR A 282 15.20 11.24 -7.67
C THR A 282 15.14 9.74 -7.94
N LEU A 283 14.00 9.08 -7.75
CA LEU A 283 13.93 7.66 -8.15
C LEU A 283 14.17 7.52 -9.65
N GLU A 284 14.43 6.30 -10.11
CA GLU A 284 14.76 5.99 -11.52
C GLU A 284 13.97 4.76 -11.88
N ALA A 285 13.93 4.41 -13.16
CA ALA A 285 13.15 3.26 -13.58
C ALA A 285 13.96 1.97 -13.41
N THR A 286 15.23 2.11 -13.02
CA THR A 286 16.13 0.96 -12.91
C THR A 286 16.85 1.08 -11.58
N ARG A 287 17.35 -0.04 -11.08
CA ARG A 287 18.01 -0.01 -9.78
C ARG A 287 19.52 -0.11 -9.92
N GLU A 288 20.15 1.03 -9.63
CA GLU A 288 21.54 1.27 -9.95
C GLU A 288 22.40 1.13 -8.73
N ASP A 289 23.61 0.63 -8.94
CA ASP A 289 24.54 0.41 -7.86
C ASP A 289 25.51 1.54 -7.78
N TYR A 290 25.50 2.27 -6.67
CA TYR A 290 26.50 3.31 -6.48
C TYR A 290 27.38 2.91 -5.32
N GLY A 291 27.58 1.60 -5.23
CA GLY A 291 28.22 0.94 -4.09
C GLY A 291 27.75 1.25 -2.67
N GLN A 292 26.48 1.59 -2.46
CA GLN A 292 26.11 2.04 -1.13
C GLN A 292 25.61 0.94 -0.23
N SER A 293 25.52 1.30 1.04
CA SER A 293 24.95 0.44 2.01
C SER A 293 24.15 1.24 3.00
N ALA A 294 23.11 0.60 3.54
CA ALA A 294 22.32 1.16 4.63
C ALA A 294 22.36 0.26 5.86
N THR A 295 22.24 0.88 7.04
CA THR A 295 22.35 0.17 8.29
C THR A 295 21.11 0.56 9.07
N TYR A 296 20.24 -0.42 9.37
CA TYR A 296 19.10 -0.12 10.25
C TYR A 296 19.55 -0.01 11.71
N LEU A 297 19.23 1.13 12.33
CA LEU A 297 19.69 1.50 13.66
C LEU A 297 18.85 1.07 14.86
N GLY A 298 17.85 0.22 14.64
CA GLY A 298 16.91 -0.14 15.73
C GLY A 298 15.96 0.96 16.23
N GLY A 299 15.11 0.57 17.18
CA GLY A 299 14.12 1.47 17.80
C GLY A 299 12.69 1.18 17.38
N ILE A 300 12.53 0.22 16.48
CA ILE A 300 11.22 -0.12 15.91
C ILE A 300 11.15 -1.56 15.38
N GLY A 301 11.91 -2.46 15.98
CA GLY A 301 12.00 -3.85 15.52
C GLY A 301 13.40 -4.44 15.67
N GLU A 302 13.48 -5.77 15.83
CA GLU A 302 14.76 -6.46 15.76
C GLU A 302 15.36 -6.21 14.36
N GLU A 303 14.53 -6.46 13.34
CA GLU A 303 14.82 -6.18 11.95
C GLU A 303 13.99 -5.00 11.42
N PHE A 304 14.22 -4.66 10.16
CA PHE A 304 13.32 -3.82 9.40
C PHE A 304 13.25 -4.43 8.02
N LYS A 305 12.08 -4.95 7.67
CA LYS A 305 11.88 -5.54 6.38
C LYS A 305 11.26 -4.45 5.49
N LEU A 306 11.92 -4.12 4.38
CA LEU A 306 11.43 -3.05 3.49
C LEU A 306 10.45 -3.57 2.43
N ASP A 307 10.84 -4.65 1.75
CA ASP A 307 10.02 -5.29 0.71
C ASP A 307 10.57 -6.68 0.57
N ARG A 308 10.07 -7.49 -0.37
CA ARG A 308 10.55 -8.87 -0.44
C ARG A 308 12.09 -8.96 -0.61
N PHE A 309 12.70 -7.98 -1.29
CA PHE A 309 14.11 -8.05 -1.59
C PHE A 309 15.01 -7.54 -0.48
N PHE A 310 14.50 -6.66 0.37
CA PHE A 310 15.35 -5.98 1.35
C PHE A 310 14.89 -6.06 2.80
N THR A 311 15.69 -6.73 3.64
CA THR A 311 15.55 -6.69 5.11
C THR A 311 16.85 -6.22 5.76
N PHE A 312 16.73 -5.33 6.74
CA PHE A 312 17.86 -4.75 7.42
C PHE A 312 17.94 -5.19 8.90
N PRO A 313 18.92 -6.07 9.25
CA PRO A 313 19.10 -6.35 10.67
C PRO A 313 19.66 -5.15 11.41
N ARG A 314 19.23 -4.99 12.65
CA ARG A 314 19.74 -3.98 13.53
C ARG A 314 21.28 -3.99 13.54
N GLU A 315 21.86 -2.93 12.98
CA GLU A 315 23.31 -2.68 13.00
C GLU A 315 24.16 -3.51 12.01
N LYS A 316 23.49 -4.37 11.23
CA LYS A 316 24.10 -4.90 10.02
C LYS A 316 23.99 -3.87 8.89
N PRO A 317 25.14 -3.43 8.31
CA PRO A 317 24.98 -2.65 7.10
C PRO A 317 24.60 -3.60 5.96
N VAL A 318 23.62 -3.23 5.16
CA VAL A 318 23.14 -4.06 4.06
C VAL A 318 23.39 -3.25 2.80
N ARG A 319 23.80 -3.91 1.74
CA ARG A 319 24.07 -3.23 0.49
C ARG A 319 22.76 -2.94 -0.25
N VAL A 320 22.62 -1.68 -0.68
CA VAL A 320 21.41 -1.14 -1.31
C VAL A 320 21.72 -0.45 -2.65
N ASP A 321 20.78 -0.55 -3.60
CA ASP A 321 20.78 0.26 -4.84
C ASP A 321 20.49 1.74 -4.51
N ARG A 322 20.84 2.66 -5.43
CA ARG A 322 20.64 4.08 -5.15
C ARG A 322 19.16 4.43 -4.91
N ASN A 323 18.28 3.86 -5.75
CA ASN A 323 16.84 3.96 -5.50
C ASN A 323 16.46 3.69 -4.04
N THR A 324 16.81 2.50 -3.54
CA THR A 324 16.63 2.20 -2.12
C THR A 324 17.20 3.23 -1.13
N ALA A 325 18.46 3.61 -1.33
CA ALA A 325 19.12 4.62 -0.53
C ALA A 325 18.37 5.93 -0.51
N GLU A 326 17.89 6.34 -1.68
CA GLU A 326 17.09 7.57 -1.84
C GLU A 326 15.79 7.52 -1.03
N ILE A 327 15.11 6.39 -1.14
CA ILE A 327 13.89 6.15 -0.42
C ILE A 327 14.15 6.29 1.08
N ILE A 328 15.10 5.50 1.58
CA ILE A 328 15.44 5.52 2.99
C ILE A 328 15.82 6.92 3.44
N ARG A 329 16.53 7.61 2.57
CA ARG A 329 17.05 8.94 2.84
C ARG A 329 15.93 9.99 2.89
N HIS A 330 15.06 9.99 1.88
CA HIS A 330 14.08 11.08 1.76
C HIS A 330 12.74 10.88 2.44
N SER A 331 12.37 9.63 2.71
CA SER A 331 11.15 9.34 3.42
C SER A 331 11.36 9.49 4.94
N ARG A 332 10.30 9.22 5.70
CA ARG A 332 10.37 9.21 7.16
C ARG A 332 11.30 8.14 7.73
N LEU A 333 11.61 7.10 6.93
CA LEU A 333 12.46 6.00 7.34
C LEU A 333 13.87 6.42 7.78
N HIS A 334 14.23 7.68 7.53
CA HIS A 334 15.58 8.15 7.77
C HIS A 334 15.90 8.13 9.24
N GLN A 335 14.87 8.18 10.07
CA GLN A 335 15.03 8.24 11.51
C GLN A 335 15.77 7.04 12.09
N TRP A 336 15.60 5.90 11.45
CA TRP A 336 16.12 4.63 11.96
C TRP A 336 17.11 4.09 10.99
N PHE A 337 17.77 5.01 10.30
CA PHE A 337 18.76 4.64 9.31
C PHE A 337 19.93 5.59 9.20
N SER A 338 21.03 5.02 8.76
CA SER A 338 22.12 5.78 8.18
C SER A 338 22.48 5.14 6.82
N VAL A 339 22.85 5.99 5.86
CA VAL A 339 23.08 5.53 4.48
C VAL A 339 24.45 5.99 4.01
N SER A 340 25.25 5.06 3.49
CA SER A 340 26.58 5.37 3.00
C SER A 340 26.49 6.40 1.88
N ALA A 341 27.58 7.12 1.62
CA ALA A 341 27.64 8.05 0.48
C ALA A 341 27.86 7.28 -0.81
N GLU A 342 27.38 7.87 -1.91
CA GLU A 342 27.42 7.21 -3.23
C GLU A 342 28.84 7.15 -3.76
N GLN A 343 29.28 5.98 -4.18
CA GLN A 343 30.53 5.81 -4.88
C GLN A 343 30.34 6.05 -6.36
N GLN A 344 31.24 5.44 -7.12
CA GLN A 344 31.24 5.44 -8.55
C GLN A 344 30.13 4.50 -8.96
N HIS A 345 29.71 4.56 -10.21
CA HIS A 345 28.53 3.83 -10.65
C HIS A 345 28.86 2.52 -11.30
N MET A 346 28.52 1.42 -10.62
CA MET A 346 28.89 0.07 -11.10
C MET A 346 27.90 -0.67 -11.99
N GLY A 347 26.95 0.04 -12.61
CA GLY A 347 25.94 -0.67 -13.44
C GLY A 347 24.80 -1.22 -12.55
N LEU A 348 23.98 -2.09 -13.12
CA LEU A 348 22.77 -2.56 -12.46
C LEU A 348 23.02 -3.38 -11.17
N PHE A 349 22.59 -2.84 -10.02
CA PHE A 349 22.71 -3.53 -8.71
C PHE A 349 22.70 -5.06 -8.66
N LYS A 350 23.73 -5.64 -8.04
CA LYS A 350 23.87 -7.10 -7.90
C LYS A 350 24.05 -7.58 -6.45
N ALA A 351 24.43 -6.67 -5.54
CA ALA A 351 24.76 -7.02 -4.14
C ALA A 351 23.55 -7.49 -3.32
N ASN A 352 22.79 -8.42 -3.88
CA ASN A 352 21.57 -8.93 -3.28
C ASN A 352 21.39 -10.38 -3.71
N ASP A 353 21.04 -11.23 -2.75
CA ASP A 353 20.89 -12.66 -3.00
C ASP A 353 19.96 -12.94 -4.21
N SER A 354 18.84 -12.23 -4.29
CA SER A 354 17.91 -12.44 -5.40
C SER A 354 17.95 -11.32 -6.45
N TYR A 355 19.13 -10.74 -6.65
CA TYR A 355 19.34 -9.60 -7.56
C TYR A 355 18.85 -9.86 -8.99
N ALA A 356 18.88 -11.12 -9.42
CA ALA A 356 18.33 -11.53 -10.72
C ALA A 356 16.87 -11.07 -10.83
N LEU A 357 16.07 -11.45 -9.84
CA LEU A 357 14.65 -11.12 -9.81
C LEU A 357 14.40 -9.64 -9.63
N LEU A 358 15.16 -9.04 -8.72
CA LEU A 358 15.11 -7.60 -8.49
C LEU A 358 15.06 -6.77 -9.79
N HIS A 359 15.48 -7.35 -10.91
CA HIS A 359 15.47 -6.65 -12.20
C HIS A 359 14.45 -7.23 -13.14
N ALA A 360 13.92 -8.40 -12.82
CA ALA A 360 12.88 -9.00 -13.64
C ALA A 360 11.60 -8.14 -13.65
N PRO A 361 10.79 -8.26 -14.72
CA PRO A 361 9.56 -7.47 -14.72
C PRO A 361 8.60 -7.96 -13.63
N LEU A 362 7.80 -7.02 -13.11
CA LEU A 362 6.89 -7.26 -12.00
C LEU A 362 6.11 -8.55 -12.08
N SER A 363 5.55 -8.90 -13.24
CA SER A 363 4.72 -10.10 -13.31
C SER A 363 5.53 -11.38 -13.20
N MET A 364 6.84 -11.25 -13.13
CA MET A 364 7.68 -12.42 -12.98
C MET A 364 8.15 -12.52 -11.54
N GLN A 365 8.52 -11.38 -10.95
CA GLN A 365 8.83 -11.35 -9.56
C GLN A 365 7.72 -12.10 -8.84
N VAL A 366 6.47 -11.84 -9.26
CA VAL A 366 5.28 -12.37 -8.57
C VAL A 366 5.10 -13.87 -8.78
N GLU A 367 4.97 -14.29 -10.03
CA GLU A 367 4.79 -15.72 -10.34
C GLU A 367 5.84 -16.64 -9.70
N GLN A 368 7.06 -16.12 -9.63
CA GLN A 368 8.18 -16.90 -9.15
C GLN A 368 8.27 -16.81 -7.65
N LEU A 369 7.63 -15.80 -7.10
CA LEU A 369 7.44 -15.82 -5.68
C LEU A 369 6.30 -16.78 -5.33
N VAL A 370 5.21 -16.76 -6.12
CA VAL A 370 3.99 -17.53 -5.84
C VAL A 370 4.15 -19.04 -5.93
N SER A 371 4.89 -19.58 -6.91
CA SER A 371 5.04 -21.04 -6.99
C SER A 371 5.82 -21.53 -5.77
N GLY A 372 5.13 -22.31 -4.92
CA GLY A 372 5.42 -22.38 -3.47
C GLY A 372 4.22 -22.47 -2.52
N ALA A 373 3.63 -23.66 -2.49
CA ALA A 373 2.75 -24.11 -1.42
C ALA A 373 3.59 -25.05 -0.54
N ALA A 374 4.90 -24.79 -0.47
CA ALA A 374 5.81 -25.35 0.52
C ALA A 374 6.03 -24.29 1.62
N ALA A 375 5.19 -24.38 2.66
CA ALA A 375 5.13 -23.40 3.72
C ALA A 375 6.24 -23.61 4.76
#